data_3C1O
#
_entry.id   3C1O
#
_cell.length_a   67.330
_cell.length_b   87.381
_cell.length_c   51.545
_cell.angle_alpha   90.000
_cell.angle_beta   101.330
_cell.angle_gamma   90.000
#
_symmetry.space_group_name_H-M   'C 1 2 1'
#
loop_
_entity.id
_entity.type
_entity.pdbx_description
1 polymer 'eugenol synthase'
2 non-polymer 'NADP NICOTINAMIDE-ADENINE-DINUCLEOTIDE PHOSPHATE'
3 water water
#
_entity_poly.entity_id   1
_entity_poly.type   'polypeptide(L)'
_entity_poly.pdbx_seq_one_letter_code
;GSHMEKIIIYGGTGYIGKFMVRASLSFSHPTFIYARPLTPDSTPSSVQLREEFRSMGVTIIEGEMEEHEKMVSVLKQVDI
VISALPFPMISSQIHIINAIKAAGNIKRFLPSDFGCEEDRIKPLPPFESVLEKKRIIRRAIEAAALPYTYVSANCFGAYF
VNYLLHPSPHPNRNDDIVIYGTGETKFVLNYEEDIAKYTIKVACDPRCCNRIVIYRPPKNIISQNELISLWEAKSGLSFK
KVHMPDEQLVRLSQELPQPQNIPVSILHSIFVKGDLMSYEMRKDDIEASNLYPELEFTSIDGLLDLFISGRAPPPTLAEF
E
;
_entity_poly.pdbx_strand_id   A
#
# COMPACT_ATOMS: atom_id res chain seq x y z
N MET A 4 -24.38 -1.61 7.56
CA MET A 4 -23.16 -1.45 6.73
C MET A 4 -22.55 -2.79 6.36
N GLU A 5 -21.80 -2.81 5.26
CA GLU A 5 -21.15 -4.05 4.82
C GLU A 5 -20.16 -4.53 5.86
N LYS A 6 -20.08 -5.85 6.04
CA LYS A 6 -19.15 -6.43 6.99
C LYS A 6 -17.84 -6.67 6.24
N ILE A 7 -16.72 -6.25 6.84
CA ILE A 7 -15.43 -6.35 6.20
C ILE A 7 -14.42 -7.19 6.97
N ILE A 8 -13.72 -8.08 6.25
CA ILE A 8 -12.70 -8.89 6.88
C ILE A 8 -11.38 -8.51 6.19
N ILE A 9 -10.34 -8.36 6.99
CA ILE A 9 -9.05 -7.98 6.45
C ILE A 9 -7.96 -9.00 6.77
N TYR A 10 -7.22 -9.41 5.75
CA TYR A 10 -6.10 -10.33 5.92
C TYR A 10 -4.88 -9.42 5.99
N GLY A 11 -3.92 -9.74 6.84
CA GLY A 11 -2.75 -8.89 6.99
C GLY A 11 -3.16 -7.62 7.72
N GLY A 12 -4.21 -7.73 8.52
CA GLY A 12 -4.74 -6.59 9.25
C GLY A 12 -3.83 -5.99 10.30
N THR A 13 -2.82 -6.73 10.74
CA THR A 13 -1.88 -6.23 11.74
C THR A 13 -0.62 -5.70 11.07
N GLY A 14 -0.67 -5.61 9.74
CA GLY A 14 0.46 -5.11 8.97
C GLY A 14 0.58 -3.59 8.94
N TYR A 15 1.62 -3.11 8.27
CA TYR A 15 1.86 -1.67 8.19
C TYR A 15 0.66 -0.90 7.63
N ILE A 16 0.18 -1.26 6.44
CA ILE A 16 -0.97 -0.58 5.88
C ILE A 16 -2.25 -1.26 6.38
N GLY A 17 -2.14 -2.54 6.70
CA GLY A 17 -3.29 -3.29 7.18
C GLY A 17 -3.94 -2.68 8.42
N LYS A 18 -3.13 -2.20 9.36
CA LYS A 18 -3.69 -1.63 10.58
C LYS A 18 -4.49 -0.36 10.30
N PHE A 19 -4.07 0.42 9.30
CA PHE A 19 -4.80 1.64 8.96
C PHE A 19 -6.16 1.26 8.38
N MET A 20 -6.18 0.18 7.59
CA MET A 20 -7.43 -0.27 7.00
C MET A 20 -8.41 -0.77 8.04
N VAL A 21 -7.90 -1.46 9.06
CA VAL A 21 -8.76 -1.97 10.12
C VAL A 21 -9.41 -0.81 10.87
N ARG A 22 -8.62 0.20 11.21
CA ARG A 22 -9.14 1.36 11.93
C ARG A 22 -10.12 2.18 11.08
N ALA A 23 -9.86 2.27 9.78
CA ALA A 23 -10.74 3.02 8.88
C ALA A 23 -12.09 2.31 8.74
N SER A 24 -12.04 0.98 8.64
CA SER A 24 -13.25 0.18 8.51
C SER A 24 -14.14 0.41 9.74
N LEU A 25 -13.54 0.35 10.92
CA LEU A 25 -14.28 0.57 12.17
C LEU A 25 -14.85 1.97 12.22
N SER A 26 -14.01 2.95 11.89
CA SER A 26 -14.40 4.34 11.91
C SER A 26 -15.57 4.65 10.99
N PHE A 27 -15.68 3.90 9.90
CA PHE A 27 -16.78 4.10 8.94
C PHE A 27 -17.98 3.20 9.29
N SER A 28 -18.00 2.73 10.53
CA SER A 28 -19.07 1.90 11.05
C SER A 28 -19.29 0.53 10.42
N HIS A 29 -18.23 -0.09 9.93
CA HIS A 29 -18.35 -1.41 9.35
C HIS A 29 -18.00 -2.47 10.37
N PRO A 30 -18.83 -3.50 10.53
CA PRO A 30 -18.46 -4.53 11.51
C PRO A 30 -17.15 -5.04 10.91
N THR A 31 -16.10 -5.08 11.72
CA THR A 31 -14.78 -5.45 11.20
C THR A 31 -14.20 -6.74 11.76
N PHE A 32 -13.59 -7.51 10.86
CA PHE A 32 -12.98 -8.79 11.19
C PHE A 32 -11.59 -8.85 10.59
N ILE A 33 -10.75 -9.72 11.15
CA ILE A 33 -9.43 -9.95 10.58
C ILE A 33 -9.15 -11.44 10.68
N TYR A 34 -8.46 -11.97 9.68
CA TYR A 34 -8.08 -13.37 9.69
C TYR A 34 -6.59 -13.22 9.97
N ALA A 35 -6.12 -13.78 11.09
CA ALA A 35 -4.72 -13.65 11.47
C ALA A 35 -4.08 -14.97 11.86
N ARG A 36 -2.78 -15.10 11.60
CA ARG A 36 -2.09 -16.33 11.96
C ARG A 36 -2.01 -16.41 13.47
N PRO A 37 -2.00 -17.63 14.02
CA PRO A 37 -1.92 -17.78 15.47
C PRO A 37 -0.60 -17.20 15.97
N LEU A 38 -0.61 -16.69 17.19
CA LEU A 38 0.60 -16.11 17.77
C LEU A 38 1.58 -17.22 18.15
N THR A 39 2.87 -16.88 18.14
CA THR A 39 3.92 -17.83 18.49
C THR A 39 4.86 -17.17 19.51
N PRO A 40 5.71 -17.98 20.18
CA PRO A 40 6.63 -17.42 21.16
C PRO A 40 7.51 -16.31 20.60
N ASP A 41 7.77 -16.37 19.29
CA ASP A 41 8.61 -15.37 18.63
C ASP A 41 7.83 -14.19 18.07
N SER A 42 6.51 -14.23 18.17
CA SER A 42 5.67 -13.13 17.68
C SER A 42 6.19 -11.82 18.23
N THR A 43 6.39 -10.83 17.36
CA THR A 43 6.88 -9.53 17.80
C THR A 43 5.88 -8.93 18.78
N PRO A 44 6.38 -8.30 19.86
CA PRO A 44 5.49 -7.70 20.86
C PRO A 44 4.51 -6.72 20.22
N SER A 45 4.91 -6.17 19.07
CA SER A 45 4.09 -5.23 18.33
C SER A 45 2.85 -5.94 17.79
N SER A 46 3.04 -7.13 17.23
CA SER A 46 1.94 -7.90 16.68
C SER A 46 0.99 -8.34 17.79
N VAL A 47 1.55 -8.64 18.95
CA VAL A 47 0.74 -9.05 20.10
C VAL A 47 -0.09 -7.87 20.59
N GLN A 48 0.54 -6.70 20.64
CA GLN A 48 -0.11 -5.49 21.10
C GLN A 48 -1.28 -5.09 20.18
N LEU A 49 -1.04 -5.15 18.87
CA LEU A 49 -2.07 -4.79 17.90
C LEU A 49 -3.32 -5.66 18.00
N ARG A 50 -3.14 -6.96 18.21
CA ARG A 50 -4.27 -7.85 18.32
C ARG A 50 -5.09 -7.51 19.56
N GLU A 51 -4.42 -7.18 20.65
CA GLU A 51 -5.12 -6.81 21.88
C GLU A 51 -5.88 -5.51 21.65
N GLU A 52 -5.23 -4.56 20.99
CA GLU A 52 -5.86 -3.28 20.68
C GLU A 52 -7.09 -3.50 19.81
N PHE A 53 -6.94 -4.30 18.75
CA PHE A 53 -8.06 -4.56 17.85
C PHE A 53 -9.24 -5.19 18.60
N ARG A 54 -8.97 -6.19 19.43
CA ARG A 54 -10.06 -6.84 20.17
C ARG A 54 -10.79 -5.80 21.02
N SER A 55 -10.04 -4.93 21.69
CA SER A 55 -10.66 -3.92 22.55
C SER A 55 -11.46 -2.90 21.74
N MET A 56 -11.17 -2.80 20.45
CA MET A 56 -11.88 -1.88 19.57
C MET A 56 -13.09 -2.54 18.93
N GLY A 57 -13.38 -3.77 19.31
CA GLY A 57 -14.54 -4.46 18.76
C GLY A 57 -14.28 -5.27 17.50
N VAL A 58 -13.01 -5.42 17.13
CA VAL A 58 -12.67 -6.21 15.95
C VAL A 58 -12.76 -7.69 16.27
N THR A 59 -13.38 -8.46 15.38
CA THR A 59 -13.49 -9.90 15.59
C THR A 59 -12.28 -10.53 14.93
N ILE A 60 -11.46 -11.21 15.74
CA ILE A 60 -10.26 -11.85 15.21
C ILE A 60 -10.43 -13.34 15.04
N ILE A 61 -10.21 -13.82 13.82
CA ILE A 61 -10.29 -15.24 13.52
C ILE A 61 -8.86 -15.71 13.33
N GLU A 62 -8.40 -16.57 14.22
CA GLU A 62 -7.03 -17.07 14.14
C GLU A 62 -6.97 -18.36 13.34
N GLY A 63 -6.00 -18.45 12.43
CA GLY A 63 -5.86 -19.64 11.63
C GLY A 63 -4.80 -19.53 10.55
N GLU A 64 -4.60 -20.63 9.83
CA GLU A 64 -3.63 -20.68 8.74
C GLU A 64 -4.38 -20.49 7.43
N MET A 65 -3.67 -20.08 6.39
CA MET A 65 -4.29 -19.87 5.09
C MET A 65 -4.82 -21.17 4.48
N GLU A 66 -4.21 -22.30 4.86
CA GLU A 66 -4.62 -23.59 4.34
C GLU A 66 -5.90 -24.16 4.95
N GLU A 67 -6.46 -23.48 5.94
CA GLU A 67 -7.68 -23.96 6.58
C GLU A 67 -8.92 -23.51 5.82
N HIS A 68 -9.16 -24.19 4.70
CA HIS A 68 -10.28 -23.90 3.81
C HIS A 68 -11.64 -23.81 4.48
N GLU A 69 -12.01 -24.85 5.22
CA GLU A 69 -13.31 -24.88 5.89
C GLU A 69 -13.48 -23.76 6.91
N LYS A 70 -12.41 -23.43 7.62
CA LYS A 70 -12.47 -22.36 8.60
C LYS A 70 -12.67 -21.02 7.89
N MET A 71 -11.93 -20.82 6.81
CA MET A 71 -12.02 -19.58 6.03
C MET A 71 -13.40 -19.40 5.39
N VAL A 72 -13.91 -20.48 4.80
CA VAL A 72 -15.22 -20.43 4.17
C VAL A 72 -16.29 -20.08 5.20
N SER A 73 -16.22 -20.71 6.37
CA SER A 73 -17.18 -20.46 7.43
C SER A 73 -17.23 -18.99 7.84
N VAL A 74 -16.07 -18.36 7.90
CA VAL A 74 -15.99 -16.95 8.28
C VAL A 74 -16.47 -16.05 7.15
N LEU A 75 -16.03 -16.34 5.93
CA LEU A 75 -16.41 -15.53 4.78
C LEU A 75 -17.92 -15.52 4.54
N LYS A 76 -18.61 -16.59 4.94
CA LYS A 76 -20.06 -16.65 4.79
C LYS A 76 -20.74 -15.65 5.72
N GLN A 77 -19.99 -15.14 6.69
CA GLN A 77 -20.53 -14.17 7.64
C GLN A 77 -20.20 -12.71 7.31
N VAL A 78 -19.46 -12.47 6.23
CA VAL A 78 -19.12 -11.10 5.85
C VAL A 78 -19.47 -10.79 4.40
N ASP A 79 -19.17 -9.56 3.97
CA ASP A 79 -19.49 -9.14 2.61
C ASP A 79 -18.29 -8.74 1.77
N ILE A 80 -17.27 -8.19 2.43
CA ILE A 80 -16.09 -7.69 1.74
C ILE A 80 -14.79 -8.26 2.30
N VAL A 81 -13.87 -8.58 1.39
CA VAL A 81 -12.57 -9.10 1.77
C VAL A 81 -11.48 -8.18 1.26
N ILE A 82 -10.61 -7.72 2.15
CA ILE A 82 -9.50 -6.86 1.75
C ILE A 82 -8.23 -7.54 2.23
N SER A 83 -7.28 -7.72 1.32
CA SER A 83 -6.00 -8.34 1.69
C SER A 83 -4.89 -7.30 1.65
N ALA A 84 -4.15 -7.22 2.76
CA ALA A 84 -3.03 -6.30 2.89
C ALA A 84 -1.79 -7.13 3.25
N LEU A 85 -1.73 -8.35 2.75
CA LEU A 85 -0.61 -9.25 3.02
C LEU A 85 0.67 -8.79 2.32
N PRO A 86 1.84 -9.10 2.92
CA PRO A 86 3.13 -8.70 2.34
C PRO A 86 3.56 -9.59 1.17
N PHE A 87 4.58 -9.15 0.45
CA PHE A 87 5.07 -9.88 -0.73
C PHE A 87 5.29 -11.38 -0.55
N PRO A 88 5.86 -11.81 0.57
CA PRO A 88 6.08 -13.26 0.76
C PRO A 88 4.77 -14.05 0.87
N MET A 89 3.68 -13.35 1.14
CA MET A 89 2.37 -13.99 1.31
C MET A 89 1.44 -13.76 0.13
N ILE A 90 1.92 -13.08 -0.91
CA ILE A 90 1.08 -12.81 -2.06
C ILE A 90 0.49 -14.07 -2.70
N SER A 91 1.33 -15.06 -2.98
CA SER A 91 0.87 -16.29 -3.61
C SER A 91 -0.15 -17.05 -2.76
N SER A 92 -0.07 -16.90 -1.45
CA SER A 92 -1.01 -17.60 -0.56
C SER A 92 -2.43 -17.07 -0.71
N GLN A 93 -2.60 -15.93 -1.38
CA GLN A 93 -3.93 -15.36 -1.56
C GLN A 93 -4.84 -16.26 -2.38
N ILE A 94 -4.24 -17.25 -3.06
CA ILE A 94 -5.01 -18.18 -3.85
C ILE A 94 -6.01 -18.89 -2.94
N HIS A 95 -5.61 -19.11 -1.69
CA HIS A 95 -6.48 -19.76 -0.72
C HIS A 95 -7.68 -18.87 -0.37
N ILE A 96 -7.48 -17.56 -0.40
CA ILE A 96 -8.56 -16.63 -0.11
C ILE A 96 -9.56 -16.69 -1.26
N ILE A 97 -9.03 -16.68 -2.48
CA ILE A 97 -9.85 -16.74 -3.68
C ILE A 97 -10.71 -18.00 -3.69
N ASN A 98 -10.12 -19.13 -3.31
CA ASN A 98 -10.86 -20.38 -3.29
C ASN A 98 -11.93 -20.41 -2.21
N ALA A 99 -11.62 -19.84 -1.05
CA ALA A 99 -12.59 -19.79 0.05
C ALA A 99 -13.72 -18.83 -0.30
N ILE A 100 -13.39 -17.75 -1.01
CA ILE A 100 -14.41 -16.79 -1.42
C ILE A 100 -15.38 -17.43 -2.39
N LYS A 101 -14.84 -18.12 -3.41
CA LYS A 101 -15.69 -18.77 -4.40
C LYS A 101 -16.59 -19.82 -3.75
N ALA A 102 -16.06 -20.53 -2.77
CA ALA A 102 -16.84 -21.56 -2.09
C ALA A 102 -17.95 -20.94 -1.24
N ALA A 103 -17.65 -19.81 -0.60
CA ALA A 103 -18.63 -19.12 0.23
C ALA A 103 -19.77 -18.61 -0.65
N GLY A 104 -19.42 -17.96 -1.76
CA GLY A 104 -20.42 -17.45 -2.69
C GLY A 104 -21.20 -16.20 -2.38
N ASN A 105 -21.02 -15.63 -1.19
CA ASN A 105 -21.76 -14.42 -0.81
C ASN A 105 -20.96 -13.12 -0.82
N ILE A 106 -19.66 -13.23 -1.09
CA ILE A 106 -18.80 -12.05 -1.10
C ILE A 106 -19.11 -11.06 -2.22
N LYS A 107 -19.22 -9.79 -1.84
CA LYS A 107 -19.53 -8.71 -2.78
C LYS A 107 -18.30 -8.07 -3.40
N ARG A 108 -17.15 -8.21 -2.76
CA ARG A 108 -15.94 -7.61 -3.31
C ARG A 108 -14.67 -8.16 -2.66
N PHE A 109 -13.64 -8.31 -3.47
CA PHE A 109 -12.34 -8.77 -2.99
C PHE A 109 -11.28 -7.81 -3.52
N LEU A 110 -10.48 -7.27 -2.60
CA LEU A 110 -9.40 -6.38 -2.98
C LEU A 110 -8.11 -7.12 -2.64
N PRO A 111 -7.41 -7.64 -3.67
CA PRO A 111 -6.16 -8.35 -3.37
C PRO A 111 -5.12 -7.35 -2.91
N SER A 112 -4.01 -7.86 -2.37
CA SER A 112 -2.95 -6.99 -1.89
C SER A 112 -2.13 -6.42 -3.04
N ASP A 113 -2.64 -5.34 -3.65
CA ASP A 113 -1.95 -4.65 -4.72
C ASP A 113 -1.38 -3.42 -4.02
N PHE A 114 -2.17 -2.35 -3.97
CA PHE A 114 -1.78 -1.13 -3.27
C PHE A 114 -0.42 -0.56 -3.63
N GLY A 115 -0.05 -0.65 -4.90
CA GLY A 115 1.23 -0.11 -5.30
C GLY A 115 1.02 0.65 -6.58
N CYS A 116 1.75 0.21 -7.59
CA CYS A 116 1.69 0.76 -8.94
C CYS A 116 0.58 -0.04 -9.63
N GLU A 117 0.38 0.23 -10.92
CA GLU A 117 -0.64 -0.50 -11.68
C GLU A 117 0.15 -1.56 -12.45
N GLU A 118 0.36 -2.69 -11.77
CA GLU A 118 1.10 -3.83 -12.30
C GLU A 118 0.80 -4.28 -13.74
N ASP A 119 -0.44 -4.13 -14.18
CA ASP A 119 -0.80 -4.56 -15.52
C ASP A 119 -0.42 -3.59 -16.64
N ARG A 120 0.19 -2.46 -16.31
CA ARG A 120 0.59 -1.51 -17.34
C ARG A 120 2.05 -1.06 -17.25
N ILE A 121 2.85 -1.76 -16.44
CA ILE A 121 4.27 -1.43 -16.31
C ILE A 121 5.15 -2.68 -16.33
N LYS A 122 6.41 -2.48 -16.66
CA LYS A 122 7.37 -3.59 -16.70
C LYS A 122 8.72 -3.09 -16.22
N PRO A 123 9.01 -3.25 -14.92
CA PRO A 123 10.26 -2.82 -14.31
C PRO A 123 11.40 -3.79 -14.54
N LEU A 124 12.53 -3.51 -13.89
CA LEU A 124 13.71 -4.36 -13.98
C LEU A 124 13.35 -5.75 -13.47
N PRO A 125 14.03 -6.79 -14.00
CA PRO A 125 13.81 -8.18 -13.63
C PRO A 125 13.50 -8.52 -12.16
N PRO A 126 14.30 -7.99 -11.22
CA PRO A 126 14.04 -8.29 -9.81
C PRO A 126 12.65 -7.87 -9.33
N PHE A 127 12.20 -6.69 -9.78
CA PHE A 127 10.90 -6.18 -9.37
C PHE A 127 9.78 -6.83 -10.19
N GLU A 128 10.05 -7.03 -11.48
CA GLU A 128 9.07 -7.64 -12.36
C GLU A 128 8.69 -9.02 -11.81
N SER A 129 9.69 -9.73 -11.26
CA SER A 129 9.47 -11.05 -10.69
C SER A 129 8.43 -11.02 -9.57
N VAL A 130 8.54 -10.06 -8.66
CA VAL A 130 7.57 -9.99 -7.58
C VAL A 130 6.20 -9.52 -8.08
N LEU A 131 6.19 -8.61 -9.05
CA LEU A 131 4.93 -8.11 -9.60
C LEU A 131 4.18 -9.25 -10.27
N GLU A 132 4.93 -10.18 -10.86
CA GLU A 132 4.32 -11.32 -11.53
C GLU A 132 3.48 -12.14 -10.55
N LYS A 133 3.89 -12.17 -9.29
CA LYS A 133 3.12 -12.92 -8.30
C LYS A 133 1.76 -12.25 -8.11
N LYS A 134 1.75 -10.92 -8.12
CA LYS A 134 0.48 -10.21 -7.97
C LYS A 134 -0.39 -10.38 -9.22
N ARG A 135 0.24 -10.44 -10.39
CA ARG A 135 -0.51 -10.62 -11.63
C ARG A 135 -1.18 -11.98 -11.65
N ILE A 136 -0.48 -13.00 -11.18
CA ILE A 136 -1.03 -14.36 -11.12
C ILE A 136 -2.29 -14.39 -10.24
N ILE A 137 -2.28 -13.63 -9.15
CA ILE A 137 -3.44 -13.56 -8.26
C ILE A 137 -4.61 -12.91 -9.03
N ARG A 138 -4.31 -11.87 -9.81
CA ARG A 138 -5.34 -11.21 -10.61
C ARG A 138 -5.94 -12.16 -11.63
N ARG A 139 -5.09 -12.98 -12.25
CA ARG A 139 -5.56 -13.92 -13.25
C ARG A 139 -6.43 -15.00 -12.60
N ALA A 140 -6.11 -15.35 -11.36
CA ALA A 140 -6.89 -16.36 -10.63
C ALA A 140 -8.24 -15.76 -10.22
N ILE A 141 -8.24 -14.47 -9.88
CA ILE A 141 -9.48 -13.79 -9.50
C ILE A 141 -10.41 -13.76 -10.72
N GLU A 142 -9.85 -13.38 -11.86
CA GLU A 142 -10.62 -13.30 -13.09
C GLU A 142 -11.17 -14.64 -13.55
N ALA A 143 -10.39 -15.71 -13.31
CA ALA A 143 -10.80 -17.06 -13.67
C ALA A 143 -11.96 -17.53 -12.80
N ALA A 144 -11.95 -17.11 -11.54
CA ALA A 144 -13.02 -17.47 -10.61
C ALA A 144 -14.21 -16.54 -10.77
N ALA A 145 -14.04 -15.51 -11.60
CA ALA A 145 -15.08 -14.52 -11.88
C ALA A 145 -15.52 -13.75 -10.64
N LEU A 146 -14.60 -13.56 -9.69
CA LEU A 146 -14.91 -12.84 -8.46
C LEU A 146 -14.99 -11.34 -8.65
N PRO A 147 -15.89 -10.67 -7.90
CA PRO A 147 -16.04 -9.21 -7.99
C PRO A 147 -14.78 -8.64 -7.33
N TYR A 148 -14.05 -7.80 -8.05
CA TYR A 148 -12.80 -7.28 -7.51
C TYR A 148 -12.61 -5.79 -7.69
N THR A 149 -11.55 -5.30 -7.07
CA THR A 149 -11.13 -3.92 -7.22
C THR A 149 -9.61 -3.99 -7.04
N TYR A 150 -8.88 -3.50 -8.03
CA TYR A 150 -7.42 -3.50 -7.97
C TYR A 150 -7.01 -2.06 -7.67
N VAL A 151 -6.47 -1.85 -6.49
CA VAL A 151 -6.08 -0.52 -6.07
C VAL A 151 -4.62 -0.16 -6.28
N SER A 152 -4.38 0.90 -7.04
CA SER A 152 -3.03 1.41 -7.25
C SER A 152 -3.02 2.60 -6.31
N ALA A 153 -2.46 2.39 -5.12
CA ALA A 153 -2.41 3.44 -4.11
C ALA A 153 -1.27 4.42 -4.31
N ASN A 154 -0.33 4.06 -5.18
CA ASN A 154 0.86 4.87 -5.42
C ASN A 154 1.68 4.88 -4.13
N CYS A 155 2.63 5.79 -4.00
CA CYS A 155 3.50 5.79 -2.82
C CYS A 155 2.89 6.05 -1.45
N PHE A 156 3.12 5.13 -0.52
CA PHE A 156 2.65 5.29 0.85
C PHE A 156 3.41 6.53 1.35
N GLY A 157 2.65 7.56 1.70
CA GLY A 157 3.22 8.83 2.14
C GLY A 157 4.27 8.86 3.21
N ALA A 158 3.91 8.48 4.43
CA ALA A 158 4.86 8.51 5.54
C ALA A 158 6.00 7.53 5.29
N TYR A 159 5.66 6.40 4.68
CA TYR A 159 6.64 5.36 4.36
C TYR A 159 7.77 5.96 3.51
N PHE A 160 7.40 6.62 2.41
CA PHE A 160 8.41 7.20 1.53
C PHE A 160 9.07 8.48 2.04
N VAL A 161 8.37 9.26 2.85
CA VAL A 161 9.00 10.47 3.39
C VAL A 161 10.10 10.00 4.34
N ASN A 162 9.82 8.96 5.11
CA ASN A 162 10.83 8.42 6.03
C ASN A 162 12.01 7.88 5.22
N TYR A 163 11.70 7.18 4.14
CA TYR A 163 12.73 6.57 3.30
C TYR A 163 13.57 7.59 2.52
N LEU A 164 12.91 8.58 1.93
CA LEU A 164 13.58 9.61 1.13
C LEU A 164 14.18 10.77 1.90
N LEU A 165 13.51 11.20 2.97
CA LEU A 165 13.99 12.34 3.74
C LEU A 165 14.46 12.01 5.15
N HIS A 166 14.12 10.82 5.62
CA HIS A 166 14.49 10.38 6.98
C HIS A 166 14.52 11.53 7.99
N PRO A 167 13.34 12.15 8.24
CA PRO A 167 13.27 13.26 9.19
C PRO A 167 13.75 12.84 10.58
N SER A 168 14.43 13.74 11.27
CA SER A 168 14.94 13.47 12.61
C SER A 168 14.81 14.71 13.49
N PRO A 169 14.77 14.53 14.82
CA PRO A 169 14.64 15.62 15.79
C PRO A 169 15.50 16.84 15.46
N HIS A 170 16.76 16.62 15.15
CA HIS A 170 17.63 17.74 14.82
C HIS A 170 18.43 17.44 13.55
N PRO A 171 17.93 17.87 12.39
CA PRO A 171 18.61 17.64 11.11
C PRO A 171 19.95 18.37 11.02
N ASN A 172 20.87 17.79 10.27
CA ASN A 172 22.19 18.36 10.07
C ASN A 172 22.49 18.44 8.58
N ARG A 173 23.19 19.50 8.18
CA ARG A 173 23.56 19.72 6.79
C ARG A 173 24.12 18.46 6.16
N ASN A 174 24.77 17.62 6.97
CA ASN A 174 25.37 16.41 6.45
C ASN A 174 24.56 15.12 6.57
N ASP A 175 23.27 15.22 6.91
CA ASP A 175 22.44 14.02 7.02
C ASP A 175 21.90 13.59 5.66
N ASP A 176 22.85 13.46 4.74
CA ASP A 176 22.68 13.04 3.35
C ASP A 176 21.33 12.67 2.72
N ILE A 177 20.92 13.40 1.67
CA ILE A 177 19.65 13.13 0.96
C ILE A 177 19.95 12.57 -0.44
N VAL A 178 19.44 11.37 -0.70
CA VAL A 178 19.65 10.71 -1.99
C VAL A 178 18.57 10.96 -3.04
N ILE A 179 19.00 11.38 -4.22
CA ILE A 179 18.10 11.62 -5.34
C ILE A 179 18.30 10.49 -6.34
N TYR A 180 17.24 9.74 -6.63
CA TYR A 180 17.31 8.62 -7.57
C TYR A 180 17.06 9.13 -8.99
N GLY A 181 18.04 8.89 -9.87
CA GLY A 181 17.93 9.38 -11.22
C GLY A 181 18.29 10.86 -11.20
N THR A 182 17.57 11.68 -11.96
CA THR A 182 17.83 13.11 -12.01
C THR A 182 16.94 13.87 -11.03
N GLY A 183 15.85 13.23 -10.59
CA GLY A 183 14.94 13.85 -9.65
C GLY A 183 13.79 14.66 -10.23
N GLU A 184 13.62 14.65 -11.55
CA GLU A 184 12.52 15.40 -12.13
C GLU A 184 11.31 14.52 -12.39
N THR A 185 11.48 13.20 -12.25
CA THR A 185 10.39 12.25 -12.48
C THR A 185 9.26 12.45 -11.48
N LYS A 186 8.02 12.47 -11.98
CA LYS A 186 6.86 12.67 -11.13
C LYS A 186 6.34 11.36 -10.53
N PHE A 187 5.97 11.41 -9.26
CA PHE A 187 5.39 10.26 -8.56
C PHE A 187 4.31 10.84 -7.66
N VAL A 188 3.56 9.97 -6.98
CA VAL A 188 2.48 10.43 -6.11
C VAL A 188 2.67 9.93 -4.69
N LEU A 189 2.53 10.84 -3.73
CA LEU A 189 2.69 10.51 -2.31
C LEU A 189 1.34 10.68 -1.61
N ASN A 190 0.78 9.58 -1.13
CA ASN A 190 -0.51 9.62 -0.44
C ASN A 190 -0.38 9.12 0.99
N TYR A 191 -0.84 9.94 1.94
CA TYR A 191 -0.77 9.57 3.36
C TYR A 191 -1.54 8.28 3.63
N GLU A 192 -0.94 7.39 4.40
CA GLU A 192 -1.54 6.08 4.72
C GLU A 192 -2.97 6.10 5.26
N GLU A 193 -3.27 7.04 6.13
CA GLU A 193 -4.62 7.13 6.69
C GLU A 193 -5.64 7.41 5.58
N ASP A 194 -5.25 8.20 4.60
CA ASP A 194 -6.16 8.51 3.50
C ASP A 194 -6.29 7.30 2.58
N ILE A 195 -5.17 6.64 2.30
CA ILE A 195 -5.19 5.45 1.46
C ILE A 195 -6.20 4.46 2.07
N ALA A 196 -6.15 4.33 3.39
CA ALA A 196 -7.05 3.41 4.10
C ALA A 196 -8.51 3.84 3.99
N LYS A 197 -8.79 5.10 4.27
CA LYS A 197 -10.16 5.60 4.20
C LYS A 197 -10.75 5.45 2.80
N TYR A 198 -10.01 5.85 1.77
CA TYR A 198 -10.52 5.72 0.42
C TYR A 198 -10.72 4.26 0.03
N THR A 199 -9.86 3.39 0.53
CA THR A 199 -9.98 1.96 0.20
C THR A 199 -11.28 1.38 0.76
N ILE A 200 -11.62 1.77 1.98
CA ILE A 200 -12.87 1.27 2.55
C ILE A 200 -14.04 1.77 1.71
N LYS A 201 -14.04 3.06 1.36
CA LYS A 201 -15.13 3.61 0.54
C LYS A 201 -15.19 2.91 -0.83
N VAL A 202 -14.03 2.76 -1.45
CA VAL A 202 -13.93 2.12 -2.76
C VAL A 202 -14.47 0.70 -2.77
N ALA A 203 -14.15 -0.06 -1.71
CA ALA A 203 -14.60 -1.44 -1.60
C ALA A 203 -16.12 -1.58 -1.50
N CYS A 204 -16.80 -0.53 -1.05
CA CYS A 204 -18.25 -0.56 -0.90
C CYS A 204 -18.99 0.20 -2.01
N ASP A 205 -18.23 0.82 -2.90
CA ASP A 205 -18.79 1.63 -3.99
C ASP A 205 -19.02 0.82 -5.27
N PRO A 206 -20.28 0.68 -5.71
CA PRO A 206 -20.55 -0.10 -6.94
C PRO A 206 -19.79 0.44 -8.15
N ARG A 207 -19.49 1.74 -8.15
CA ARG A 207 -18.76 2.35 -9.25
C ARG A 207 -17.35 1.75 -9.40
N CYS A 208 -16.83 1.18 -8.32
CA CYS A 208 -15.47 0.62 -8.36
C CYS A 208 -15.40 -0.89 -8.47
N CYS A 209 -16.55 -1.55 -8.60
CA CYS A 209 -16.57 -3.00 -8.71
C CYS A 209 -15.98 -3.44 -10.05
N ASN A 210 -15.08 -4.41 -9.98
CA ASN A 210 -14.40 -4.95 -11.16
C ASN A 210 -13.66 -3.88 -11.93
N ARG A 211 -13.08 -2.94 -11.20
CA ARG A 211 -12.33 -1.87 -11.83
C ARG A 211 -10.99 -1.63 -11.18
N ILE A 212 -10.11 -0.99 -11.94
CA ILE A 212 -8.79 -0.60 -11.46
C ILE A 212 -9.07 0.79 -10.91
N VAL A 213 -8.64 1.04 -9.68
CA VAL A 213 -8.86 2.36 -9.08
C VAL A 213 -7.49 2.92 -8.74
N ILE A 214 -7.24 4.14 -9.18
CA ILE A 214 -5.96 4.80 -8.94
C ILE A 214 -6.09 5.98 -7.99
N TYR A 215 -5.19 6.07 -7.02
CA TYR A 215 -5.21 7.17 -6.07
C TYR A 215 -4.23 8.21 -6.59
N ARG A 216 -4.72 9.14 -7.39
CA ARG A 216 -3.85 10.15 -7.94
C ARG A 216 -4.38 11.57 -7.73
N PRO A 217 -4.46 12.03 -6.48
CA PRO A 217 -4.94 13.39 -6.24
C PRO A 217 -3.90 14.34 -6.84
N PRO A 218 -4.35 15.28 -7.70
CA PRO A 218 -3.47 16.25 -8.37
C PRO A 218 -2.46 16.98 -7.49
N LYS A 219 -2.85 17.32 -6.27
CA LYS A 219 -1.95 18.02 -5.37
C LYS A 219 -0.83 17.17 -4.79
N ASN A 220 -0.92 15.84 -4.95
CA ASN A 220 0.11 14.97 -4.42
C ASN A 220 1.09 14.46 -5.49
N ILE A 221 0.99 15.02 -6.69
CA ILE A 221 1.90 14.65 -7.77
C ILE A 221 3.12 15.55 -7.57
N ILE A 222 4.30 14.96 -7.46
CA ILE A 222 5.50 15.75 -7.20
C ILE A 222 6.76 15.01 -7.66
N SER A 223 7.87 15.75 -7.80
CA SER A 223 9.13 15.15 -8.21
C SER A 223 10.02 15.13 -6.96
N GLN A 224 11.09 14.36 -6.98
CA GLN A 224 11.98 14.32 -5.82
C GLN A 224 12.60 15.70 -5.58
N ASN A 225 12.94 16.40 -6.67
CA ASN A 225 13.54 17.71 -6.50
C ASN A 225 12.58 18.69 -5.86
N GLU A 226 11.30 18.64 -6.26
CA GLU A 226 10.28 19.51 -5.69
C GLU A 226 10.04 19.15 -4.23
N LEU A 227 10.02 17.85 -3.92
CA LEU A 227 9.80 17.41 -2.55
C LEU A 227 10.94 17.91 -1.64
N ILE A 228 12.17 17.76 -2.13
CA ILE A 228 13.33 18.18 -1.36
C ILE A 228 13.31 19.70 -1.11
N SER A 229 13.01 20.46 -2.16
CA SER A 229 12.97 21.93 -2.04
C SER A 229 11.95 22.33 -0.99
N LEU A 230 10.82 21.65 -0.97
CA LEU A 230 9.76 21.92 0.00
C LEU A 230 10.24 21.59 1.40
N TRP A 231 10.86 20.43 1.54
CA TRP A 231 11.38 19.98 2.82
C TRP A 231 12.46 20.92 3.36
N GLU A 232 13.33 21.41 2.48
CA GLU A 232 14.39 22.31 2.91
C GLU A 232 13.80 23.65 3.35
N ALA A 233 12.79 24.13 2.63
CA ALA A 233 12.14 25.39 2.98
C ALA A 233 11.49 25.30 4.36
N LYS A 234 10.91 24.15 4.64
CA LYS A 234 10.25 23.91 5.93
C LYS A 234 11.21 23.61 7.06
N SER A 235 12.28 22.88 6.77
CA SER A 235 13.26 22.50 7.78
C SER A 235 14.23 23.63 8.09
N GLY A 236 14.31 24.61 7.20
CA GLY A 236 15.20 25.72 7.42
C GLY A 236 16.67 25.38 7.33
N LEU A 237 17.04 24.57 6.34
CA LEU A 237 18.42 24.18 6.15
C LEU A 237 18.60 23.53 4.79
N SER A 238 19.84 23.49 4.31
CA SER A 238 20.16 22.90 3.02
C SER A 238 20.95 21.61 3.24
N PHE A 239 20.42 20.50 2.75
CA PHE A 239 21.06 19.20 2.91
C PHE A 239 22.06 18.88 1.81
N LYS A 240 22.99 17.98 2.11
CA LYS A 240 23.94 17.55 1.11
C LYS A 240 23.12 16.59 0.26
N LYS A 241 23.02 16.89 -1.03
CA LYS A 241 22.24 16.04 -1.90
C LYS A 241 23.14 15.27 -2.85
N VAL A 242 22.93 13.95 -2.90
CA VAL A 242 23.72 13.09 -3.77
C VAL A 242 22.78 12.35 -4.71
N HIS A 243 23.27 12.03 -5.90
CA HIS A 243 22.47 11.32 -6.88
C HIS A 243 22.92 9.89 -7.08
N MET A 244 21.95 9.03 -7.36
CA MET A 244 22.21 7.64 -7.69
C MET A 244 21.59 7.57 -9.07
N PRO A 245 22.38 7.89 -10.10
CA PRO A 245 21.91 7.88 -11.49
C PRO A 245 21.36 6.56 -11.98
N ASP A 246 20.51 6.65 -13.00
CA ASP A 246 19.88 5.48 -13.61
C ASP A 246 20.84 4.33 -13.82
N GLU A 247 21.98 4.61 -14.44
CA GLU A 247 22.98 3.59 -14.72
C GLU A 247 23.45 2.84 -13.46
N GLN A 248 23.60 3.57 -12.36
CA GLN A 248 24.04 2.92 -11.12
C GLN A 248 22.93 2.02 -10.57
N LEU A 249 21.69 2.49 -10.63
CA LEU A 249 20.58 1.71 -10.13
C LEU A 249 20.43 0.43 -10.97
N VAL A 250 20.58 0.56 -12.27
CA VAL A 250 20.48 -0.61 -13.14
C VAL A 250 21.60 -1.58 -12.78
N ARG A 251 22.83 -1.06 -12.71
CA ARG A 251 23.98 -1.90 -12.37
C ARG A 251 23.77 -2.62 -11.04
N LEU A 252 23.31 -1.91 -10.02
CA LEU A 252 23.07 -2.54 -8.73
C LEU A 252 21.99 -3.62 -8.77
N SER A 253 20.95 -3.40 -9.58
CA SER A 253 19.87 -4.38 -9.67
C SER A 253 20.37 -5.67 -10.28
N GLN A 254 21.51 -5.61 -10.98
CA GLN A 254 22.11 -6.77 -11.62
C GLN A 254 23.23 -7.40 -10.79
N GLU A 255 23.95 -6.59 -10.04
CA GLU A 255 25.08 -7.08 -9.23
C GLU A 255 24.78 -7.47 -7.79
N LEU A 256 23.73 -6.88 -7.22
CA LEU A 256 23.38 -7.20 -5.84
C LEU A 256 22.64 -8.52 -5.77
N PRO A 257 22.80 -9.25 -4.66
CA PRO A 257 22.13 -10.55 -4.49
C PRO A 257 20.66 -10.33 -4.13
N GLN A 258 19.86 -11.38 -4.23
CA GLN A 258 18.45 -11.26 -3.88
C GLN A 258 18.26 -11.53 -2.40
N PRO A 259 17.30 -10.84 -1.75
CA PRO A 259 16.41 -9.85 -2.35
C PRO A 259 16.95 -8.41 -2.32
N GLN A 260 18.25 -8.26 -2.08
CA GLN A 260 18.87 -6.93 -2.02
C GLN A 260 18.78 -6.15 -3.34
N ASN A 261 18.57 -6.87 -4.43
CA ASN A 261 18.47 -6.25 -5.74
C ASN A 261 17.06 -5.73 -6.06
N ILE A 262 16.10 -6.05 -5.21
CA ILE A 262 14.72 -5.61 -5.41
C ILE A 262 14.50 -4.14 -5.06
N PRO A 263 14.98 -3.70 -3.89
CA PRO A 263 14.78 -2.28 -3.52
C PRO A 263 15.25 -1.32 -4.62
N VAL A 264 16.47 -1.50 -5.10
CA VAL A 264 16.97 -0.61 -6.15
C VAL A 264 16.13 -0.70 -7.42
N SER A 265 15.54 -1.87 -7.67
CA SER A 265 14.71 -2.07 -8.85
C SER A 265 13.41 -1.29 -8.70
N ILE A 266 12.86 -1.28 -7.49
CA ILE A 266 11.62 -0.54 -7.24
C ILE A 266 11.88 0.97 -7.35
N LEU A 267 13.01 1.42 -6.79
CA LEU A 267 13.35 2.85 -6.85
C LEU A 267 13.53 3.28 -8.31
N HIS A 268 14.12 2.41 -9.12
CA HIS A 268 14.33 2.71 -10.53
C HIS A 268 12.97 2.89 -11.22
N SER A 269 12.03 1.99 -10.91
CA SER A 269 10.70 2.04 -11.48
C SER A 269 9.94 3.31 -11.12
N ILE A 270 9.94 3.65 -9.84
CA ILE A 270 9.22 4.83 -9.36
C ILE A 270 9.85 6.17 -9.69
N PHE A 271 11.15 6.30 -9.43
CA PHE A 271 11.85 7.56 -9.63
C PHE A 271 12.64 7.78 -10.92
N VAL A 272 12.84 6.73 -11.71
CA VAL A 272 13.58 6.89 -12.96
C VAL A 272 12.66 6.68 -14.15
N LYS A 273 12.04 5.50 -14.22
CA LYS A 273 11.11 5.21 -15.30
C LYS A 273 9.83 6.00 -15.10
N GLY A 274 9.53 6.32 -13.84
CA GLY A 274 8.33 7.06 -13.53
C GLY A 274 7.08 6.26 -13.86
N ASP A 275 7.09 4.98 -13.49
CA ASP A 275 5.97 4.09 -13.76
C ASP A 275 4.69 4.44 -13.01
N LEU A 276 4.76 5.41 -12.11
CA LEU A 276 3.58 5.83 -11.35
C LEU A 276 2.88 7.03 -11.99
N MET A 277 3.53 7.62 -13.00
CA MET A 277 2.97 8.79 -13.68
C MET A 277 3.29 8.81 -15.16
N SER A 278 3.82 7.70 -15.68
CA SER A 278 4.16 7.61 -17.10
C SER A 278 2.97 7.17 -17.95
N TYR A 279 1.77 7.25 -17.38
CA TYR A 279 0.57 6.86 -18.10
C TYR A 279 -0.60 7.78 -17.77
N GLU A 280 -1.54 7.90 -18.69
CA GLU A 280 -2.71 8.74 -18.50
C GLU A 280 -3.90 7.86 -18.12
N MET A 281 -4.83 8.43 -17.35
CA MET A 281 -6.01 7.70 -16.92
C MET A 281 -6.77 7.11 -18.10
N ARG A 282 -7.11 5.82 -17.99
CA ARG A 282 -7.84 5.14 -19.05
C ARG A 282 -9.34 5.34 -18.90
N LYS A 283 -10.08 4.95 -19.93
CA LYS A 283 -11.53 5.09 -19.95
C LYS A 283 -12.20 4.46 -18.73
N ASP A 284 -12.01 3.16 -18.56
CA ASP A 284 -12.61 2.43 -17.44
C ASP A 284 -11.87 2.68 -16.13
N ASP A 285 -10.71 3.32 -16.23
CA ASP A 285 -9.89 3.65 -15.05
C ASP A 285 -10.59 4.71 -14.20
N ILE A 286 -10.49 4.56 -12.89
CA ILE A 286 -11.10 5.50 -11.97
C ILE A 286 -10.09 6.15 -11.05
N GLU A 287 -10.14 7.48 -10.95
CA GLU A 287 -9.24 8.18 -10.04
C GLU A 287 -10.09 8.47 -8.81
N ALA A 288 -9.72 7.85 -7.68
CA ALA A 288 -10.48 7.98 -6.44
C ALA A 288 -10.72 9.36 -5.82
N SER A 289 -9.77 10.28 -5.95
CA SER A 289 -9.95 11.59 -5.34
C SER A 289 -11.19 12.32 -5.88
N ASN A 290 -11.69 11.88 -7.03
CA ASN A 290 -12.86 12.51 -7.63
C ASN A 290 -14.17 11.88 -7.16
N LEU A 291 -14.08 10.77 -6.44
CA LEU A 291 -15.27 10.04 -6.01
C LEU A 291 -16.10 10.48 -4.82
N TYR A 292 -15.44 10.88 -3.73
CA TYR A 292 -16.16 11.23 -2.51
C TYR A 292 -16.02 12.67 -2.02
N PRO A 293 -17.06 13.48 -2.19
CA PRO A 293 -17.05 14.89 -1.77
C PRO A 293 -16.73 15.06 -0.28
N GLU A 294 -17.10 14.06 0.52
CA GLU A 294 -16.87 14.11 1.97
C GLU A 294 -15.43 13.77 2.35
N LEU A 295 -14.64 13.31 1.38
CA LEU A 295 -13.25 12.96 1.67
C LEU A 295 -12.26 13.78 0.85
N GLU A 296 -11.05 13.92 1.39
CA GLU A 296 -9.98 14.65 0.73
C GLU A 296 -8.64 14.00 1.09
N PHE A 297 -7.75 13.89 0.10
CA PHE A 297 -6.43 13.34 0.34
C PHE A 297 -5.59 14.45 0.97
N THR A 298 -4.84 14.12 2.02
CA THR A 298 -3.98 15.10 2.67
C THR A 298 -2.92 15.51 1.66
N SER A 299 -2.65 16.81 1.56
CA SER A 299 -1.65 17.29 0.61
C SER A 299 -0.25 16.95 1.09
N ILE A 300 0.73 17.04 0.19
CA ILE A 300 2.11 16.76 0.56
C ILE A 300 2.55 17.75 1.62
N ASP A 301 2.09 18.99 1.51
CA ASP A 301 2.42 20.01 2.48
C ASP A 301 1.90 19.55 3.84
N GLY A 302 0.69 19.01 3.83
CA GLY A 302 0.08 18.53 5.06
C GLY A 302 0.80 17.32 5.61
N LEU A 303 1.28 16.44 4.74
CA LEU A 303 2.01 15.26 5.17
C LEU A 303 3.33 15.67 5.83
N LEU A 304 4.03 16.62 5.22
CA LEU A 304 5.30 17.07 5.79
C LEU A 304 5.09 17.77 7.14
N ASP A 305 4.01 18.53 7.27
CA ASP A 305 3.74 19.21 8.54
C ASP A 305 3.50 18.17 9.62
N LEU A 306 2.90 17.04 9.22
CA LEU A 306 2.64 15.97 10.15
C LEU A 306 3.94 15.48 10.76
N PHE A 307 4.98 15.39 9.94
CA PHE A 307 6.30 14.96 10.39
C PHE A 307 6.95 16.00 11.29
N ILE A 308 6.83 17.26 10.92
CA ILE A 308 7.41 18.34 11.71
C ILE A 308 6.73 18.43 13.07
N SER A 309 5.41 18.23 13.08
CA SER A 309 4.66 18.28 14.32
C SER A 309 4.92 17.04 15.15
N GLY A 310 5.66 16.09 14.58
CA GLY A 310 5.99 14.86 15.28
C GLY A 310 4.83 13.91 15.47
N ARG A 311 3.86 13.97 14.56
CA ARG A 311 2.68 13.12 14.65
C ARG A 311 2.56 12.14 13.49
N ALA A 312 3.66 11.94 12.76
CA ALA A 312 3.64 11.03 11.62
C ALA A 312 4.09 9.63 11.98
N PRO A 313 3.68 8.63 11.18
CA PRO A 313 4.05 7.24 11.44
C PRO A 313 5.57 7.11 11.53
N PRO A 314 6.06 6.28 12.46
CA PRO A 314 7.50 6.10 12.62
C PRO A 314 8.08 5.24 11.49
N PRO A 315 9.42 5.27 11.32
CA PRO A 315 10.09 4.49 10.28
C PRO A 315 9.74 3.00 10.38
N THR A 316 9.71 2.33 9.23
CA THR A 316 9.41 0.91 9.19
C THR A 316 10.20 0.22 8.09
N LEU A 317 10.49 -1.06 8.27
CA LEU A 317 11.22 -1.85 7.28
C LEU A 317 10.48 -1.92 5.95
#